data_1FZZ
#
_entry.id   1FZZ
#
_cell.length_a   51.038
_cell.length_b   58.500
_cell.length_c   75.643
_cell.angle_alpha   90.00
_cell.angle_beta   90.00
_cell.angle_gamma   90.00
#
_symmetry.space_group_name_H-M   'P 21 21 21'
#
loop_
_entity.id
_entity.type
_entity.pdbx_description
1 polymer 'ELASTASE 1'
2 non-polymer 2-(5-AMINO-6-OXO-2-PHENYL-6H-PYRIMIDIN-1-YL)-N-[2-(5-TERT-BUTYL-1,3,4-OXADIAZOL-2-YL)-1-(METHYLETHYL)-2-HYDROXYETHYL]ACETAMIDE
3 water water
#
_entity_poly.entity_id   1
_entity_poly.type   'polypeptide(L)'
_entity_poly.pdbx_seq_one_letter_code
;VVGGTEAQRNSWPSQISLQYRSGSSWAHTCGGTLIRQNWVMTAAHCVDRELTFRVVVGEHNLNQNDGTEQYVGVQKIVVH
PYWNTDDVAAGYDIALLRLAQSVTLNSYVQLGVLPRAGTILANNSPCYITGWGLTRTNGQLAQTLQQAYLPTVDYAICSS
SSYWGSTVKNSMVCAGGDGVRSGCQGDSGGPLHCLVNGQYAVHGVTSFVSRLGCNVTRKPTVFTRVSAYISWINNVIASN
;
_entity_poly.pdbx_strand_id   A
#
# COMPACT_ATOMS: atom_id res chain seq x y z
N VAL A 1 6.40 -9.01 -0.20
CA VAL A 1 5.38 -9.91 -0.77
C VAL A 1 5.84 -11.36 -0.74
N VAL A 2 5.09 -12.23 -0.08
CA VAL A 2 5.43 -13.64 -0.02
C VAL A 2 4.70 -14.36 -1.17
N GLY A 3 5.39 -15.28 -1.83
CA GLY A 3 4.78 -16.01 -2.93
C GLY A 3 4.48 -15.19 -4.17
N GLY A 4 5.30 -14.18 -4.43
CA GLY A 4 5.07 -13.34 -5.60
C GLY A 4 6.01 -13.66 -6.75
N THR A 5 5.95 -12.82 -7.78
CA THR A 5 6.81 -12.96 -8.94
C THR A 5 7.26 -11.55 -9.29
N GLU A 6 8.38 -11.43 -10.00
CA GLU A 6 8.87 -10.10 -10.35
C GLU A 6 7.92 -9.41 -11.32
N ALA A 7 7.54 -8.17 -11.00
CA ALA A 7 6.65 -7.39 -11.84
C ALA A 7 7.46 -6.80 -12.99
N GLN A 8 6.81 -6.63 -14.14
CA GLN A 8 7.48 -6.03 -15.27
C GLN A 8 7.77 -4.57 -14.91
N ARG A 9 8.78 -4.00 -15.55
CA ARG A 9 9.22 -2.63 -15.33
C ARG A 9 8.15 -1.55 -15.43
N ASN A 10 7.20 -1.73 -16.34
CA ASN A 10 6.17 -0.73 -16.55
C ASN A 10 4.75 -1.17 -16.20
N SER A 11 4.61 -2.18 -15.35
CA SER A 11 3.29 -2.69 -15.00
C SER A 11 2.50 -1.86 -13.97
N TRP A 12 3.18 -1.36 -12.94
CA TRP A 12 2.52 -0.62 -11.88
C TRP A 12 3.20 0.73 -11.65
N PRO A 13 3.03 1.68 -12.58
CA PRO A 13 3.63 3.02 -12.50
C PRO A 13 3.22 3.93 -11.35
N SER A 14 2.14 3.61 -10.65
CA SER A 14 1.70 4.43 -9.53
C SER A 14 2.39 4.07 -8.21
N GLN A 15 3.07 2.92 -8.18
CA GLN A 15 3.77 2.46 -6.98
C GLN A 15 5.01 3.28 -6.64
N ILE A 16 5.17 3.61 -5.37
CA ILE A 16 6.34 4.37 -4.93
C ILE A 16 6.99 3.68 -3.73
N SER A 17 8.22 4.07 -3.44
CA SER A 17 8.95 3.53 -2.29
C SER A 17 9.11 4.69 -1.32
N LEU A 18 8.67 4.48 -0.07
CA LEU A 18 8.79 5.50 0.97
C LEU A 18 10.06 5.18 1.75
N GLN A 19 11.01 6.10 1.72
CA GLN A 19 12.27 5.89 2.41
C GLN A 19 12.58 6.93 3.46
N TYR A 20 13.30 6.48 4.49
CA TYR A 20 13.73 7.36 5.57
C TYR A 20 15.26 7.31 5.64
N ARG A 21 15.87 8.41 6.09
CA ARG A 21 17.31 8.45 6.18
C ARG A 21 17.79 7.76 7.44
N SER A 22 18.61 6.73 7.25
CA SER A 22 19.17 5.98 8.35
C SER A 22 20.68 6.14 8.23
N GLY A 23 21.28 6.82 9.20
CA GLY A 23 22.70 7.07 9.13
C GLY A 23 22.96 8.02 7.98
N SER A 24 23.88 7.65 7.10
CA SER A 24 24.20 8.48 5.96
C SER A 24 23.64 7.86 4.68
N SER A 25 22.62 7.02 4.84
CA SER A 25 21.98 6.37 3.71
C SER A 25 20.47 6.43 3.85
N TRP A 26 19.75 6.03 2.80
CA TRP A 26 18.30 6.02 2.81
C TRP A 26 17.84 4.58 2.74
N ALA A 27 16.83 4.23 3.54
CA ALA A 27 16.33 2.86 3.55
C ALA A 27 14.83 2.76 3.34
N HIS A 28 14.43 1.86 2.45
CA HIS A 28 13.02 1.63 2.14
C HIS A 28 12.33 1.16 3.42
N THR A 29 11.15 1.70 3.70
CA THR A 29 10.43 1.28 4.89
C THR A 29 8.97 0.91 4.58
N CYS A 30 8.40 1.55 3.57
CA CYS A 30 7.01 1.31 3.20
C CYS A 30 6.76 1.60 1.74
N GLY A 31 5.58 1.21 1.27
CA GLY A 31 5.20 1.46 -0.10
C GLY A 31 4.24 2.64 -0.06
N GLY A 32 3.68 2.99 -1.22
CA GLY A 32 2.74 4.09 -1.28
C GLY A 32 2.19 4.18 -2.69
N THR A 33 1.25 5.08 -2.92
CA THR A 33 0.66 5.24 -4.25
C THR A 33 0.62 6.72 -4.64
N LEU A 34 1.12 7.02 -5.84
CA LEU A 34 1.10 8.39 -6.34
C LEU A 34 -0.33 8.70 -6.83
N ILE A 35 -0.99 9.67 -6.21
CA ILE A 35 -2.35 10.01 -6.58
C ILE A 35 -2.46 11.38 -7.24
N ARG A 36 -1.46 12.22 -7.03
CA ARG A 36 -1.38 13.56 -7.63
C ARG A 36 0.09 13.73 -7.97
N GLN A 37 0.43 14.63 -8.88
CA GLN A 37 1.83 14.82 -9.23
C GLN A 37 2.66 15.22 -8.03
N ASN A 38 2.00 15.74 -6.99
CA ASN A 38 2.67 16.16 -5.77
C ASN A 38 2.02 15.64 -4.48
N TRP A 39 1.26 14.55 -4.59
CA TRP A 39 0.59 13.94 -3.43
C TRP A 39 0.74 12.42 -3.46
N VAL A 40 1.05 11.84 -2.31
CA VAL A 40 1.21 10.40 -2.20
C VAL A 40 0.33 9.84 -1.08
N MET A 41 -0.30 8.71 -1.34
CA MET A 41 -1.17 8.06 -0.37
C MET A 41 -0.45 6.84 0.23
N THR A 42 -0.45 6.74 1.55
CA THR A 42 0.22 5.63 2.22
C THR A 42 -0.50 5.28 3.53
N ALA A 43 0.12 4.46 4.36
CA ALA A 43 -0.47 4.07 5.63
C ALA A 43 -0.01 5.01 6.74
N ALA A 44 -0.94 5.34 7.65
CA ALA A 44 -0.64 6.22 8.76
C ALA A 44 0.49 5.66 9.62
N HIS A 45 0.44 4.36 9.91
CA HIS A 45 1.48 3.74 10.73
C HIS A 45 2.88 3.75 10.12
N CYS A 46 3.00 4.12 8.84
CA CYS A 46 4.30 4.19 8.18
C CYS A 46 4.97 5.52 8.47
N VAL A 47 4.18 6.55 8.75
CA VAL A 47 4.73 7.87 9.01
C VAL A 47 4.50 8.34 10.44
N ASP A 48 4.32 7.37 11.33
CA ASP A 48 4.08 7.63 12.75
C ASP A 48 5.36 8.02 13.50
N ARG A 49 6.51 7.72 12.91
CA ARG A 49 7.78 8.03 13.56
C ARG A 49 8.32 9.41 13.17
N GLU A 50 9.13 9.98 14.06
CA GLU A 50 9.73 11.29 13.83
C GLU A 50 10.98 11.15 12.96
N LEU A 51 10.80 10.63 11.74
CA LEU A 51 11.92 10.45 10.83
C LEU A 51 11.82 11.37 9.63
N THR A 52 12.92 11.51 8.90
CA THR A 52 12.93 12.35 7.70
C THR A 52 12.63 11.39 6.53
N PHE A 53 11.57 11.67 5.79
CA PHE A 53 11.18 10.81 4.69
C PHE A 53 11.43 11.39 3.30
N ARG A 54 11.52 10.49 2.33
CA ARG A 54 11.70 10.87 0.94
C ARG A 54 10.93 9.85 0.10
N VAL A 55 10.53 10.24 -1.09
CA VAL A 55 9.78 9.35 -1.98
C VAL A 55 10.53 9.09 -3.29
N VAL A 56 10.48 7.84 -3.75
CA VAL A 56 11.13 7.47 -5.00
C VAL A 56 10.09 6.91 -5.97
N VAL A 57 9.96 7.53 -7.13
CA VAL A 57 9.03 7.08 -8.16
C VAL A 57 9.85 6.55 -9.33
N GLY A 58 9.25 5.71 -10.17
CA GLY A 58 9.96 5.13 -11.29
C GLY A 58 11.03 4.15 -10.82
N GLU A 59 10.83 3.63 -9.62
CA GLU A 59 11.75 2.68 -9.00
C GLU A 59 11.40 1.23 -9.31
N HIS A 60 12.41 0.41 -9.61
CA HIS A 60 12.20 -1.00 -9.89
C HIS A 60 13.13 -1.87 -9.03
N ASN A 61 14.43 -1.59 -9.09
CA ASN A 61 15.42 -2.33 -8.30
C ASN A 61 15.93 -1.36 -7.24
N LEU A 62 15.68 -1.68 -5.98
CA LEU A 62 16.10 -0.80 -4.87
C LEU A 62 17.60 -0.52 -4.82
N ASN A 63 18.43 -1.52 -5.12
CA ASN A 63 19.88 -1.36 -5.06
C ASN A 63 20.60 -1.18 -6.38
N GLN A 64 19.89 -0.82 -7.43
CA GLN A 64 20.52 -0.64 -8.74
C GLN A 64 19.90 0.53 -9.48
N ASN A 65 20.74 1.28 -10.21
CA ASN A 65 20.23 2.41 -10.98
C ASN A 65 19.43 1.88 -12.17
N ASP A 66 18.15 2.24 -12.21
CA ASP A 66 17.27 1.81 -13.30
C ASP A 66 17.26 2.85 -14.41
N GLY A 67 17.69 4.07 -14.09
CA GLY A 67 17.69 5.12 -15.08
C GLY A 67 16.29 5.65 -15.32
N THR A 68 15.42 5.49 -14.32
CA THR A 68 14.04 5.94 -14.44
C THR A 68 13.53 6.57 -13.14
N GLU A 69 14.37 6.53 -12.10
CA GLU A 69 14.01 7.06 -10.78
C GLU A 69 14.01 8.57 -10.64
N GLN A 70 13.09 9.06 -9.81
CA GLN A 70 12.99 10.49 -9.50
C GLN A 70 12.92 10.55 -7.97
N TYR A 71 13.80 11.32 -7.34
CA TYR A 71 13.84 11.43 -5.89
C TYR A 71 13.26 12.75 -5.42
N VAL A 72 12.19 12.67 -4.62
CA VAL A 72 11.54 13.88 -4.11
C VAL A 72 11.33 13.84 -2.60
N GLY A 73 11.52 14.99 -1.96
CA GLY A 73 11.34 15.06 -0.52
C GLY A 73 9.89 15.25 -0.13
N VAL A 74 9.57 14.93 1.13
CA VAL A 74 8.23 15.08 1.66
C VAL A 74 8.21 16.42 2.38
N GLN A 75 7.23 17.26 2.07
CA GLN A 75 7.16 18.58 2.70
C GLN A 75 6.05 18.72 3.74
N LYS A 76 5.06 17.84 3.69
CA LYS A 76 3.96 17.89 4.65
C LYS A 76 3.30 16.52 4.76
N ILE A 77 3.05 16.09 6.00
CA ILE A 77 2.43 14.81 6.27
C ILE A 77 1.07 15.03 6.94
N VAL A 78 0.02 14.45 6.37
CA VAL A 78 -1.31 14.57 6.93
C VAL A 78 -1.89 13.20 7.25
N VAL A 79 -1.92 12.88 8.54
CA VAL A 79 -2.46 11.60 9.01
C VAL A 79 -3.94 11.78 9.33
N HIS A 80 -4.72 10.71 9.20
CA HIS A 80 -6.14 10.78 9.50
C HIS A 80 -6.34 11.16 10.95
N PRO A 81 -7.15 12.20 11.22
CA PRO A 81 -7.44 12.67 12.58
C PRO A 81 -7.87 11.58 13.56
N TYR A 82 -8.48 10.52 13.05
CA TYR A 82 -8.94 9.44 13.91
C TYR A 82 -7.92 8.31 14.07
N TRP A 83 -6.75 8.44 13.44
CA TRP A 83 -5.72 7.41 13.54
C TRP A 83 -5.15 7.36 14.95
N ASN A 84 -5.07 6.14 15.49
CA ASN A 84 -4.56 5.92 16.84
C ASN A 84 -3.27 5.11 16.78
N THR A 85 -2.14 5.77 17.04
CA THR A 85 -0.84 5.12 17.01
C THR A 85 -0.83 3.69 17.55
N ASP A 86 -0.13 2.81 16.84
CA ASP A 86 -0.01 1.40 17.24
C ASP A 86 -1.34 0.62 17.25
N ASP A 87 -2.46 1.32 17.12
CA ASP A 87 -3.77 0.68 17.14
C ASP A 87 -4.34 0.48 15.73
N VAL A 88 -3.67 -0.39 14.98
CA VAL A 88 -4.05 -0.68 13.61
C VAL A 88 -5.42 -1.35 13.45
N ALA A 89 -5.86 -2.10 14.47
CA ALA A 89 -7.15 -2.78 14.42
C ALA A 89 -8.35 -1.83 14.44
N ALA A 90 -8.14 -0.59 14.88
CA ALA A 90 -9.21 0.40 14.95
C ALA A 90 -9.50 1.03 13.58
N GLY A 91 -8.57 0.88 12.65
CA GLY A 91 -8.75 1.44 11.33
C GLY A 91 -8.14 2.82 11.20
N TYR A 92 -8.57 3.57 10.19
CA TYR A 92 -8.08 4.92 9.92
C TYR A 92 -6.60 4.92 9.60
N ASP A 93 -6.09 3.78 9.16
CA ASP A 93 -4.68 3.66 8.83
C ASP A 93 -4.41 4.20 7.45
N ILE A 94 -4.36 5.52 7.33
CA ILE A 94 -4.14 6.17 6.06
C ILE A 94 -3.58 7.58 6.25
N ALA A 95 -2.67 7.98 5.36
CA ALA A 95 -2.05 9.29 5.43
C ALA A 95 -1.74 9.84 4.05
N LEU A 96 -1.64 11.16 3.94
CA LEU A 96 -1.34 11.80 2.67
C LEU A 96 -0.06 12.61 2.82
N LEU A 97 0.83 12.47 1.83
CA LEU A 97 2.09 13.19 1.85
C LEU A 97 2.15 14.17 0.69
N ARG A 98 2.45 15.43 1.02
CA ARG A 98 2.57 16.46 0.02
C ARG A 98 4.07 16.50 -0.31
N LEU A 99 4.40 16.31 -1.58
CA LEU A 99 5.79 16.30 -2.02
C LEU A 99 6.35 17.71 -2.14
N ALA A 100 7.66 17.84 -1.93
CA ALA A 100 8.32 19.13 -2.03
C ALA A 100 8.33 19.63 -3.46
N GLN A 101 8.19 18.71 -4.41
CA GLN A 101 8.17 19.08 -5.82
C GLN A 101 7.24 18.16 -6.59
N SER A 102 6.74 18.65 -7.72
CA SER A 102 5.85 17.86 -8.57
C SER A 102 6.69 16.95 -9.45
N VAL A 103 6.38 15.65 -9.47
CA VAL A 103 7.16 14.73 -10.30
C VAL A 103 6.71 14.78 -11.75
N THR A 104 7.54 14.22 -12.63
CA THR A 104 7.26 14.18 -14.06
C THR A 104 6.68 12.83 -14.44
N LEU A 105 5.53 12.85 -15.11
CA LEU A 105 4.87 11.64 -15.53
C LEU A 105 5.41 11.12 -16.86
N ASN A 106 5.56 9.80 -16.95
CA ASN A 106 6.02 9.13 -18.16
C ASN A 106 5.54 7.69 -18.05
N SER A 107 6.04 6.81 -18.91
CA SER A 107 5.60 5.42 -18.88
C SER A 107 5.89 4.67 -17.56
N TYR A 108 6.76 5.22 -16.73
CA TYR A 108 7.10 4.58 -15.46
C TYR A 108 6.53 5.29 -14.23
N VAL A 109 6.03 6.49 -14.43
CA VAL A 109 5.47 7.29 -13.34
C VAL A 109 4.09 7.79 -13.75
N GLN A 110 3.06 7.18 -13.15
CA GLN A 110 1.68 7.55 -13.45
C GLN A 110 0.86 7.63 -12.19
N LEU A 111 -0.27 8.32 -12.26
CA LEU A 111 -1.15 8.46 -11.11
C LEU A 111 -2.05 7.22 -11.02
N GLY A 112 -2.23 6.70 -9.82
CA GLY A 112 -3.09 5.55 -9.65
C GLY A 112 -4.53 6.06 -9.65
N VAL A 113 -5.46 5.31 -10.25
CA VAL A 113 -6.84 5.76 -10.27
C VAL A 113 -7.59 5.23 -9.05
N LEU A 114 -8.30 6.13 -8.38
CA LEU A 114 -9.05 5.77 -7.19
C LEU A 114 -10.49 5.40 -7.48
N PRO A 115 -11.07 4.49 -6.68
CA PRO A 115 -12.45 4.05 -6.87
C PRO A 115 -13.46 5.12 -6.47
N ARG A 116 -14.71 4.94 -6.88
CA ARG A 116 -15.75 5.89 -6.52
C ARG A 116 -16.11 5.58 -5.07
N ALA A 117 -16.47 6.63 -4.33
CA ALA A 117 -16.84 6.49 -2.93
C ALA A 117 -17.90 5.43 -2.64
N GLY A 118 -17.63 4.58 -1.66
CA GLY A 118 -18.59 3.54 -1.28
C GLY A 118 -18.54 2.23 -2.01
N THR A 119 -17.73 2.16 -3.06
CA THR A 119 -17.59 0.95 -3.85
C THR A 119 -17.05 -0.21 -3.01
N ILE A 120 -17.77 -1.33 -3.04
CA ILE A 120 -17.37 -2.55 -2.32
C ILE A 120 -17.23 -3.63 -3.40
N LEU A 121 -16.18 -4.44 -3.32
CA LEU A 121 -15.98 -5.48 -4.32
C LEU A 121 -16.61 -6.81 -3.94
N ALA A 122 -17.04 -7.56 -4.95
CA ALA A 122 -17.65 -8.86 -4.71
C ALA A 122 -16.55 -9.79 -4.22
N ASN A 123 -16.96 -10.84 -3.52
CA ASN A 123 -16.02 -11.82 -3.00
C ASN A 123 -15.23 -12.41 -4.16
N ASN A 124 -13.95 -12.70 -3.90
CA ASN A 124 -13.08 -13.29 -4.90
C ASN A 124 -12.80 -12.38 -6.10
N SER A 125 -12.76 -11.07 -5.90
CA SER A 125 -12.48 -10.16 -7.01
C SER A 125 -10.98 -10.22 -7.30
N PRO A 126 -10.60 -10.19 -8.59
CA PRO A 126 -9.18 -10.25 -8.98
C PRO A 126 -8.39 -8.98 -8.63
N CYS A 127 -7.41 -9.14 -7.74
CA CYS A 127 -6.56 -8.03 -7.32
C CYS A 127 -5.11 -8.51 -7.27
N TYR A 128 -4.19 -7.54 -7.25
CA TYR A 128 -2.76 -7.81 -7.17
C TYR A 128 -2.13 -6.89 -6.12
N ILE A 129 -1.31 -7.45 -5.24
CA ILE A 129 -0.62 -6.63 -4.24
C ILE A 129 0.80 -6.48 -4.80
N THR A 130 1.39 -5.31 -4.65
CA THR A 130 2.74 -5.09 -5.14
C THR A 130 3.61 -4.48 -4.04
N GLY A 131 4.92 -4.71 -4.09
CA GLY A 131 5.80 -4.15 -3.09
C GLY A 131 7.17 -4.79 -3.01
N TRP A 132 8.06 -4.17 -2.24
CA TRP A 132 9.43 -4.65 -2.04
C TRP A 132 9.56 -5.28 -0.66
N GLY A 133 8.44 -5.60 -0.02
CA GLY A 133 8.48 -6.18 1.32
C GLY A 133 9.09 -7.56 1.42
N LEU A 134 9.18 -8.09 2.65
CA LEU A 134 9.75 -9.41 2.90
C LEU A 134 9.16 -10.47 1.96
N THR A 135 10.02 -11.31 1.40
CA THR A 135 9.57 -12.35 0.50
C THR A 135 9.30 -13.64 1.29
N ARG A 136 9.46 -13.55 2.60
CA ARG A 136 9.23 -14.68 3.48
C ARG A 136 9.05 -14.16 4.90
N THR A 137 8.31 -14.89 5.74
CA THR A 137 8.12 -14.44 7.11
C THR A 137 9.50 -14.42 7.76
N ASN A 138 9.83 -13.29 8.39
CA ASN A 138 11.11 -13.12 9.05
C ASN A 138 12.28 -13.24 8.08
N GLY A 139 12.03 -12.97 6.80
CA GLY A 139 13.06 -13.06 5.78
C GLY A 139 13.68 -11.71 5.49
N GLN A 140 13.86 -11.39 4.21
CA GLN A 140 14.44 -10.10 3.84
C GLN A 140 13.68 -9.42 2.71
N LEU A 141 13.86 -8.11 2.58
CA LEU A 141 13.22 -7.31 1.55
C LEU A 141 13.57 -7.80 0.16
N ALA A 142 12.70 -7.54 -0.81
CA ALA A 142 12.95 -7.93 -2.18
C ALA A 142 13.80 -6.83 -2.80
N GLN A 143 14.59 -7.18 -3.83
CA GLN A 143 15.42 -6.20 -4.49
C GLN A 143 14.64 -5.52 -5.61
N THR A 144 13.83 -6.31 -6.30
CA THR A 144 13.00 -5.83 -7.41
C THR A 144 11.52 -5.92 -7.02
N LEU A 145 10.70 -5.02 -7.58
CA LEU A 145 9.27 -5.01 -7.27
C LEU A 145 8.61 -6.36 -7.52
N GLN A 146 7.89 -6.85 -6.51
CA GLN A 146 7.19 -8.13 -6.58
C GLN A 146 5.69 -7.90 -6.68
N GLN A 147 4.99 -8.90 -7.20
CA GLN A 147 3.55 -8.82 -7.33
C GLN A 147 2.96 -10.19 -7.05
N ALA A 148 1.75 -10.22 -6.52
CA ALA A 148 1.11 -11.49 -6.23
C ALA A 148 -0.39 -11.38 -6.41
N TYR A 149 -0.99 -12.38 -7.05
CA TYR A 149 -2.42 -12.43 -7.27
C TYR A 149 -3.09 -12.65 -5.91
N LEU A 150 -3.88 -11.67 -5.48
CA LEU A 150 -4.55 -11.72 -4.18
C LEU A 150 -6.04 -11.41 -4.31
N PRO A 151 -6.88 -12.45 -4.47
CA PRO A 151 -8.35 -12.26 -4.59
C PRO A 151 -8.99 -11.79 -3.29
N THR A 152 -10.01 -10.96 -3.40
CA THR A 152 -10.68 -10.44 -2.21
C THR A 152 -11.49 -11.48 -1.45
N VAL A 153 -11.65 -11.22 -0.16
CA VAL A 153 -12.44 -12.06 0.75
C VAL A 153 -13.43 -11.05 1.33
N ASP A 154 -14.72 -11.20 0.98
CA ASP A 154 -15.70 -10.25 1.47
C ASP A 154 -15.82 -10.14 2.99
N TYR A 155 -16.30 -9.00 3.45
CA TYR A 155 -16.45 -8.70 4.88
C TYR A 155 -17.13 -9.79 5.70
N ALA A 156 -18.21 -10.36 5.15
CA ALA A 156 -18.96 -11.41 5.82
C ALA A 156 -18.07 -12.60 6.18
N ILE A 157 -17.25 -13.03 5.22
CA ILE A 157 -16.36 -14.16 5.45
C ILE A 157 -15.13 -13.78 6.28
N CYS A 158 -14.51 -12.66 5.94
CA CYS A 158 -13.31 -12.20 6.64
C CYS A 158 -13.57 -11.89 8.13
N SER A 159 -14.75 -11.38 8.43
CA SER A 159 -15.10 -11.05 9.81
C SER A 159 -15.62 -12.26 10.60
N SER A 160 -15.62 -13.43 9.96
CA SER A 160 -16.09 -14.63 10.64
C SER A 160 -15.02 -15.11 11.62
N SER A 161 -15.41 -16.01 12.52
CA SER A 161 -14.51 -16.53 13.53
C SER A 161 -13.30 -17.29 12.99
N SER A 162 -13.49 -18.07 11.94
CA SER A 162 -12.38 -18.84 11.36
C SER A 162 -11.36 -17.95 10.68
N TYR A 163 -11.71 -16.68 10.44
CA TYR A 163 -10.80 -15.75 9.81
C TYR A 163 -10.25 -14.69 10.77
N TRP A 164 -10.65 -13.44 10.57
CA TRP A 164 -10.16 -12.35 11.40
C TRP A 164 -11.10 -11.96 12.54
N GLY A 165 -12.35 -12.40 12.46
CA GLY A 165 -13.30 -12.07 13.48
C GLY A 165 -13.58 -10.58 13.62
N SER A 166 -13.66 -10.11 14.86
CA SER A 166 -13.95 -8.71 15.16
C SER A 166 -12.79 -7.77 14.86
N THR A 167 -11.60 -8.32 14.66
CA THR A 167 -10.44 -7.50 14.37
C THR A 167 -10.60 -6.65 13.10
N VAL A 168 -11.26 -7.21 12.09
CA VAL A 168 -11.48 -6.49 10.84
C VAL A 168 -12.80 -5.72 10.85
N LYS A 169 -12.79 -4.53 10.23
CA LYS A 169 -13.98 -3.69 10.16
C LYS A 169 -14.42 -3.52 8.70
N ASN A 170 -15.58 -2.89 8.52
CA ASN A 170 -16.10 -2.67 7.18
C ASN A 170 -15.29 -1.63 6.41
N SER A 171 -14.49 -0.84 7.14
CA SER A 171 -13.66 0.17 6.52
C SER A 171 -12.35 -0.46 6.02
N MET A 172 -12.31 -1.79 6.00
CA MET A 172 -11.12 -2.50 5.54
C MET A 172 -11.46 -3.50 4.42
N VAL A 173 -10.43 -3.92 3.69
CA VAL A 173 -10.57 -4.88 2.61
C VAL A 173 -9.65 -6.06 2.93
N CYS A 174 -10.12 -7.28 2.69
CA CYS A 174 -9.33 -8.48 2.93
C CYS A 174 -9.02 -9.14 1.59
N ALA A 175 -7.76 -9.55 1.40
CA ALA A 175 -7.37 -10.21 0.16
C ALA A 175 -6.36 -11.32 0.45
N GLY A 176 -6.47 -12.43 -0.27
CA GLY A 176 -5.55 -13.54 -0.08
C GLY A 176 -6.00 -14.54 0.98
N GLY A 177 -5.07 -14.93 1.86
CA GLY A 177 -5.38 -15.88 2.92
C GLY A 177 -5.25 -17.34 2.55
N ASP A 178 -4.56 -17.64 1.45
CA ASP A 178 -4.39 -19.02 1.01
C ASP A 178 -3.21 -19.78 1.65
N GLY A 179 -2.43 -19.09 2.47
CA GLY A 179 -1.29 -19.73 3.12
C GLY A 179 -0.02 -19.72 2.30
N VAL A 180 -0.12 -19.29 1.04
CA VAL A 180 1.02 -19.24 0.15
C VAL A 180 1.45 -17.81 -0.20
N ARG A 181 0.50 -16.97 -0.58
CA ARG A 181 0.79 -15.59 -0.95
C ARG A 181 0.21 -14.58 0.03
N SER A 182 0.89 -13.44 0.15
CA SER A 182 0.43 -12.40 1.06
C SER A 182 1.37 -11.21 1.08
N GLY A 183 0.96 -10.19 1.85
CA GLY A 183 1.79 -9.02 2.02
C GLY A 183 2.73 -9.38 3.15
N CYS A 184 3.78 -8.60 3.35
CA CYS A 184 4.72 -8.87 4.44
C CYS A 184 5.42 -7.57 4.78
N GLN A 185 6.09 -7.52 5.93
CA GLN A 185 6.78 -6.32 6.39
C GLN A 185 7.55 -5.59 5.29
N GLY A 186 7.17 -4.33 5.07
CA GLY A 186 7.81 -3.54 4.03
C GLY A 186 6.88 -3.24 2.88
N ASP A 187 5.76 -3.96 2.82
CA ASP A 187 4.76 -3.76 1.78
C ASP A 187 3.74 -2.72 2.25
N SER A 188 3.69 -2.49 3.56
CA SER A 188 2.78 -1.53 4.18
C SER A 188 2.67 -0.20 3.46
N GLY A 189 1.46 0.33 3.41
CA GLY A 189 1.24 1.62 2.78
C GLY A 189 1.09 1.52 1.27
N GLY A 190 1.41 0.36 0.71
CA GLY A 190 1.32 0.17 -0.72
C GLY A 190 -0.08 -0.10 -1.25
N PRO A 191 -0.22 -0.18 -2.59
CA PRO A 191 -1.52 -0.42 -3.21
C PRO A 191 -1.97 -1.88 -3.41
N LEU A 192 -3.29 -2.04 -3.51
CA LEU A 192 -3.91 -3.31 -3.82
C LEU A 192 -4.64 -2.92 -5.09
N HIS A 193 -4.15 -3.38 -6.25
CA HIS A 193 -4.76 -3.06 -7.53
C HIS A 193 -5.82 -4.09 -7.92
N CYS A 194 -7.05 -3.63 -8.10
CA CYS A 194 -8.14 -4.52 -8.48
C CYS A 194 -8.75 -4.17 -9.84
N LEU A 195 -8.98 -5.20 -10.65
CA LEU A 195 -9.56 -5.03 -11.98
C LEU A 195 -11.07 -4.81 -11.93
N VAL A 196 -11.48 -3.61 -12.33
CA VAL A 196 -12.88 -3.21 -12.33
C VAL A 196 -13.22 -2.55 -13.66
N ASN A 197 -14.13 -3.16 -14.40
CA ASN A 197 -14.56 -2.63 -15.69
C ASN A 197 -13.41 -2.44 -16.65
N GLY A 198 -12.55 -3.46 -16.74
CA GLY A 198 -11.42 -3.42 -17.65
C GLY A 198 -10.26 -2.53 -17.27
N GLN A 199 -10.33 -1.90 -16.10
CA GLN A 199 -9.26 -1.01 -15.66
C GLN A 199 -8.82 -1.34 -14.24
N TYR A 200 -7.55 -1.11 -13.94
CA TYR A 200 -7.03 -1.37 -12.61
C TYR A 200 -7.15 -0.12 -11.75
N ALA A 201 -7.70 -0.28 -10.55
CA ALA A 201 -7.85 0.83 -9.61
C ALA A 201 -7.31 0.39 -8.25
N VAL A 202 -6.82 1.35 -7.47
CA VAL A 202 -6.27 1.08 -6.14
C VAL A 202 -7.41 1.11 -5.10
N HIS A 203 -7.82 -0.09 -4.66
CA HIS A 203 -8.90 -0.25 -3.69
C HIS A 203 -8.41 -0.40 -2.24
N GLY A 204 -7.11 -0.57 -2.06
CA GLY A 204 -6.60 -0.72 -0.71
C GLY A 204 -5.21 -0.18 -0.46
N VAL A 205 -4.93 0.09 0.81
CA VAL A 205 -3.63 0.56 1.28
C VAL A 205 -3.23 -0.53 2.27
N THR A 206 -2.15 -1.27 1.95
CA THR A 206 -1.71 -2.37 2.81
C THR A 206 -1.51 -1.93 4.27
N SER A 207 -2.16 -2.63 5.19
CA SER A 207 -2.09 -2.29 6.60
C SER A 207 -1.42 -3.31 7.53
N PHE A 208 -2.05 -4.47 7.70
CA PHE A 208 -1.49 -5.46 8.59
C PHE A 208 -1.73 -6.94 8.25
N VAL A 209 -0.97 -7.81 8.88
CA VAL A 209 -1.09 -9.26 8.72
C VAL A 209 -1.14 -9.88 10.12
N SER A 210 -1.23 -11.20 10.18
CA SER A 210 -1.30 -11.89 11.46
C SER A 210 0.02 -11.82 12.23
N ARG A 211 -0.08 -11.79 13.55
CA ARG A 211 1.09 -11.73 14.41
C ARG A 211 1.87 -13.03 14.27
N LEU A 212 1.18 -14.09 13.86
CA LEU A 212 1.76 -15.41 13.68
C LEU A 212 2.69 -15.51 12.47
N GLY A 213 2.45 -14.70 11.46
CA GLY A 213 3.26 -14.73 10.25
C GLY A 213 2.57 -14.06 9.07
N CYS A 214 3.33 -13.80 8.01
CA CYS A 214 2.79 -13.14 6.83
C CYS A 214 1.78 -14.00 6.06
N ASN A 215 2.20 -15.16 5.57
CA ASN A 215 1.31 -16.04 4.85
C ASN A 215 0.73 -17.14 5.74
N VAL A 216 -0.39 -16.82 6.39
CA VAL A 216 -1.06 -17.75 7.27
C VAL A 216 -2.43 -18.07 6.68
N THR A 217 -2.75 -19.36 6.64
CA THR A 217 -4.02 -19.82 6.09
C THR A 217 -5.21 -19.21 6.83
N ARG A 218 -6.13 -18.63 6.07
CA ARG A 218 -7.33 -18.01 6.62
C ARG A 218 -7.07 -16.72 7.40
N LYS A 219 -5.93 -16.11 7.15
CA LYS A 219 -5.57 -14.84 7.79
C LYS A 219 -5.14 -13.94 6.66
N PRO A 220 -6.08 -13.57 5.77
CA PRO A 220 -5.74 -12.70 4.64
C PRO A 220 -5.05 -11.42 5.05
N THR A 221 -4.38 -10.79 4.09
CA THR A 221 -3.70 -9.53 4.32
C THR A 221 -4.83 -8.50 4.41
N VAL A 222 -4.72 -7.57 5.36
CA VAL A 222 -5.74 -6.57 5.56
C VAL A 222 -5.32 -5.21 5.03
N PHE A 223 -6.23 -4.56 4.32
CA PHE A 223 -5.99 -3.25 3.72
C PHE A 223 -7.04 -2.25 4.16
N THR A 224 -6.66 -0.97 4.16
CA THR A 224 -7.60 0.09 4.49
C THR A 224 -8.43 0.20 3.20
N ARG A 225 -9.76 0.26 3.33
CA ARG A 225 -10.60 0.39 2.14
C ARG A 225 -10.57 1.83 1.65
N VAL A 226 -9.90 2.05 0.53
CA VAL A 226 -9.75 3.39 -0.03
C VAL A 226 -11.07 4.08 -0.31
N SER A 227 -12.04 3.34 -0.85
CA SER A 227 -13.35 3.88 -1.18
C SER A 227 -14.11 4.48 0.02
N ALA A 228 -13.64 4.21 1.23
CA ALA A 228 -14.29 4.74 2.42
C ALA A 228 -13.71 6.11 2.81
N TYR A 229 -12.68 6.55 2.09
CA TYR A 229 -12.04 7.82 2.40
C TYR A 229 -11.92 8.82 1.27
N ILE A 230 -12.66 8.60 0.19
CA ILE A 230 -12.59 9.49 -0.97
C ILE A 230 -12.89 10.94 -0.64
N SER A 231 -13.89 11.15 0.22
CA SER A 231 -14.27 12.50 0.62
C SER A 231 -13.16 13.14 1.48
N TRP A 232 -12.58 12.36 2.39
CA TRP A 232 -11.51 12.86 3.24
C TRP A 232 -10.30 13.26 2.40
N ILE A 233 -9.92 12.39 1.45
CA ILE A 233 -8.80 12.63 0.57
C ILE A 233 -8.99 13.92 -0.22
N ASN A 234 -10.15 14.06 -0.85
CA ASN A 234 -10.45 15.26 -1.63
C ASN A 234 -10.39 16.53 -0.78
N ASN A 235 -10.88 16.43 0.45
CA ASN A 235 -10.88 17.57 1.37
C ASN A 235 -9.46 18.01 1.76
N VAL A 236 -8.57 17.04 1.96
CA VAL A 236 -7.19 17.33 2.34
C VAL A 236 -6.41 18.00 1.20
N ILE A 237 -6.47 17.42 0.02
CA ILE A 237 -5.75 17.99 -1.12
C ILE A 237 -6.30 19.35 -1.48
N ALA A 238 -7.61 19.52 -1.35
CA ALA A 238 -8.27 20.77 -1.67
C ALA A 238 -7.92 21.94 -0.75
N SER A 239 -7.51 21.65 0.47
CA SER A 239 -7.17 22.71 1.42
C SER A 239 -5.69 22.72 1.82
N ASN A 240 -4.86 22.03 1.04
CA ASN A 240 -3.43 21.97 1.34
C ASN A 240 -2.57 22.23 0.09
#